data_5NDZ
#
_entry.id   5NDZ
#
_cell.length_a   37.099
_cell.length_b   62.599
_cell.length_c   86.467
_cell.angle_alpha   104.38
_cell.angle_beta   91.66
_cell.angle_gamma   96.40
#
_symmetry.space_group_name_H-M   'P 1'
#
loop_
_entity.id
_entity.type
_entity.pdbx_description
1 polymer 'Lysozyme,Proteinase-activated receptor 2,Soluble cytochrome b562,Proteinase-activated receptor 2'
2 non-polymer 2-(6-bromanyl-1,3-benzodioxol-5-yl)-~{N}-(4-cyanophenyl)-1-[(1~{S})-1-cyclohexylethyl]benzimidazole-5-carboxamide
3 non-polymer 'SODIUM ION'
4 water water
#
_entity_poly.entity_id   1
_entity_poly.type   'polypeptide(L)'
_entity_poly.pdbx_seq_one_letter_code
;MVSAIVLYVLLAAAAHSAFAAASNIFEMLRIDEGLRLKIYKDTEGYYTIGIGHLLTKSPSLNAAKSELDKAIGRNTNGVI
TKDEAEKLFNQDVDAAVRGILRNAKLKPVYDSLDAVRRAALINMVFQMGETGVAGFTNSLRMLQQKRWDEAAVNLAKSRW
YNQTPNRAKRVITTFRTGTWDAYIYEFFSVDEFSASVLTGKLTTVFLPIVYTIVFVVALPSNGMALWVFLFRTKKKAPAV
IYMANLALADLLSVIWFPLKIAYHIHGNNWIYGEALCNVLIGFFYANMYCSILFLTCLSVQRAWEIVNPMGHSRKKANIA
IGISLAIWLLILLVTIPLYVVKQTIFIPALQITTCHDVLPEQLLVGDMFNYFLSLAIGVFLFPAFLTASAYVLMIRALAD
LEDNWETLNDNLKVIEKADNAAQVKDALTKMRAAALDAQKATPPKLEDKSPDSPEMKDFRHGFDILVGQIDDALKLANEG
KVKEAQAAAEQLKTTRNAYIQKYLENSEKKRKRAIKLAVTVAAMYLICFTPSNLLLVVHYFLIKSQGQSHVYALYIVALC
LSTLNSCIDPFVYYFVSHDFRDHAKNALLCRSVRTVKQMQVSLTSKAAAHHHHHHHHHH
;
_entity_poly.pdbx_strand_id   A
#
# COMPACT_ATOMS: atom_id res chain seq x y z
N SER A 23 -15.08 21.72 -44.58
CA SER A 23 -16.15 20.97 -43.93
C SER A 23 -15.59 19.94 -42.96
N ASN A 24 -14.72 20.40 -42.05
CA ASN A 24 -14.12 19.50 -41.08
C ASN A 24 -15.12 19.12 -39.99
N ILE A 25 -15.88 20.11 -39.50
CA ILE A 25 -16.91 19.82 -38.48
C ILE A 25 -17.89 18.79 -39.00
N PHE A 26 -18.35 18.96 -40.24
CA PHE A 26 -19.30 18.00 -40.82
C PHE A 26 -18.70 16.61 -40.87
N GLU A 27 -17.41 16.53 -41.19
CA GLU A 27 -16.74 15.23 -41.29
C GLU A 27 -16.52 14.63 -39.92
N MET A 28 -16.22 15.48 -38.92
CA MET A 28 -16.05 15.01 -37.55
C MET A 28 -17.31 14.36 -37.03
N LEU A 29 -18.45 15.03 -37.18
CA LEU A 29 -19.71 14.53 -36.64
C LEU A 29 -20.11 13.20 -37.30
N ARG A 30 -19.81 13.04 -38.58
CA ARG A 30 -20.16 11.80 -39.27
C ARG A 30 -19.48 10.59 -38.62
N ILE A 31 -18.28 10.80 -38.07
CA ILE A 31 -17.55 9.71 -37.43
C ILE A 31 -18.13 9.39 -36.06
N ASP A 32 -18.61 10.41 -35.34
CA ASP A 32 -19.17 10.20 -34.02
C ASP A 32 -20.59 9.67 -34.09
N GLU A 33 -21.41 10.20 -34.99
CA GLU A 33 -22.82 9.86 -35.05
C GLU A 33 -23.12 8.72 -36.03
N GLY A 34 -22.25 8.49 -37.01
CA GLY A 34 -22.46 7.48 -38.01
C GLY A 34 -23.56 7.89 -38.99
N LEU A 35 -23.97 6.91 -39.80
CA LEU A 35 -25.00 7.13 -40.81
C LEU A 35 -25.89 5.91 -40.92
N ARG A 36 -27.15 6.05 -40.53
CA ARG A 36 -28.13 4.96 -40.63
C ARG A 36 -29.44 5.53 -41.13
N LEU A 37 -30.02 4.90 -42.14
CA LEU A 37 -31.22 5.41 -42.78
C LEU A 37 -32.51 4.89 -42.14
N LYS A 38 -32.42 4.13 -41.05
CA LYS A 38 -33.58 3.61 -40.35
C LYS A 38 -33.52 4.02 -38.88
N ILE A 39 -34.71 4.14 -38.28
CA ILE A 39 -34.79 4.53 -36.87
C ILE A 39 -34.17 3.43 -36.03
N TYR A 40 -33.17 3.79 -35.23
CA TYR A 40 -32.47 2.83 -34.38
C TYR A 40 -32.37 3.36 -32.96
N LYS A 41 -32.15 2.45 -32.03
CA LYS A 41 -31.87 2.82 -30.65
C LYS A 41 -30.38 3.11 -30.50
N ASP A 42 -30.06 4.27 -29.94
CA ASP A 42 -28.66 4.65 -29.71
C ASP A 42 -28.06 3.88 -28.54
N TYR A 47 -34.55 7.08 -29.66
CA TYR A 47 -34.74 6.80 -31.09
C TYR A 47 -34.22 7.96 -31.93
N THR A 48 -33.26 7.66 -32.80
CA THR A 48 -32.68 8.64 -33.70
C THR A 48 -32.65 8.08 -35.12
N ILE A 49 -32.23 8.93 -36.07
CA ILE A 49 -32.12 8.52 -37.46
C ILE A 49 -31.17 9.48 -38.17
N GLY A 50 -30.65 9.04 -39.31
CA GLY A 50 -29.71 9.84 -40.09
C GLY A 50 -28.37 9.98 -39.38
N ILE A 51 -27.86 11.21 -39.32
CA ILE A 51 -26.61 11.48 -38.63
C ILE A 51 -26.88 12.20 -37.32
N GLY A 52 -27.11 11.45 -36.24
CA GLY A 52 -27.26 12.04 -34.93
C GLY A 52 -28.43 12.98 -34.79
N HIS A 53 -29.49 12.81 -35.58
CA HIS A 53 -30.67 13.66 -35.48
C HIS A 53 -31.60 13.06 -34.43
N LEU A 54 -31.79 13.78 -33.33
CA LEU A 54 -32.64 13.29 -32.25
C LEU A 54 -34.11 13.49 -32.60
N LEU A 55 -34.90 12.44 -32.45
CA LEU A 55 -36.33 12.48 -32.76
C LEU A 55 -37.17 12.75 -31.51
N THR A 56 -37.10 11.85 -30.53
CA THR A 56 -37.84 11.99 -29.28
C THR A 56 -37.13 11.20 -28.20
N LYS A 57 -37.48 11.49 -26.95
CA LYS A 57 -36.88 10.82 -25.81
C LYS A 57 -37.90 9.95 -25.10
N ALA A 64 -41.63 8.36 -32.19
CA ALA A 64 -40.48 8.76 -32.99
C ALA A 64 -40.86 8.87 -34.46
N LYS A 65 -41.88 8.11 -34.86
CA LYS A 65 -42.34 8.17 -36.24
C LYS A 65 -42.99 9.51 -36.55
N SER A 66 -43.80 10.02 -35.61
CA SER A 66 -44.51 11.28 -35.83
C SER A 66 -43.54 12.46 -35.91
N GLU A 67 -42.44 12.41 -35.15
CA GLU A 67 -41.47 13.50 -35.16
C GLU A 67 -40.60 13.47 -36.40
N LEU A 68 -40.52 12.32 -37.08
CA LEU A 68 -39.73 12.16 -38.29
C LEU A 68 -40.51 12.59 -39.53
N ASP A 69 -41.82 12.35 -39.54
CA ASP A 69 -42.65 12.65 -40.71
C ASP A 69 -42.73 14.15 -40.94
N LYS A 70 -42.87 14.94 -39.87
CA LYS A 70 -42.95 16.39 -40.02
C LYS A 70 -41.58 17.04 -40.12
N ALA A 71 -40.51 16.33 -39.77
CA ALA A 71 -39.16 16.85 -39.93
C ALA A 71 -38.72 16.74 -41.39
N ILE A 72 -39.10 15.65 -42.05
CA ILE A 72 -38.76 15.43 -43.44
C ILE A 72 -39.77 16.11 -44.36
N GLY A 73 -41.06 15.97 -44.05
CA GLY A 73 -42.13 16.54 -44.85
C GLY A 73 -43.04 15.50 -45.45
N ARG A 74 -42.61 14.24 -45.51
CA ARG A 74 -43.40 13.14 -46.06
C ARG A 74 -43.49 12.03 -45.02
N ASN A 75 -44.16 10.94 -45.39
CA ASN A 75 -44.24 9.76 -44.53
C ASN A 75 -43.13 8.78 -44.91
N THR A 76 -42.01 8.88 -44.18
CA THR A 76 -40.85 8.05 -44.48
C THR A 76 -41.09 6.59 -44.11
N ASN A 77 -42.03 6.31 -43.22
CA ASN A 77 -42.38 4.96 -42.78
C ASN A 77 -41.21 4.26 -42.10
N GLY A 78 -40.30 5.03 -41.50
CA GLY A 78 -39.17 4.49 -40.78
C GLY A 78 -37.87 4.45 -41.56
N VAL A 79 -37.93 4.48 -42.89
CA VAL A 79 -36.75 4.39 -43.73
C VAL A 79 -36.64 5.66 -44.56
N ILE A 80 -35.52 6.36 -44.40
CA ILE A 80 -35.25 7.57 -45.16
C ILE A 80 -34.20 7.24 -46.23
N THR A 81 -33.96 8.20 -47.12
CA THR A 81 -33.00 8.00 -48.19
C THR A 81 -31.61 8.49 -47.77
N LYS A 82 -30.61 8.10 -48.57
CA LYS A 82 -29.24 8.52 -48.28
C LYS A 82 -29.06 10.01 -48.53
N ASP A 83 -29.90 10.60 -49.39
CA ASP A 83 -29.82 12.02 -49.70
C ASP A 83 -30.51 12.85 -48.62
N GLU A 84 -31.61 12.34 -48.07
CA GLU A 84 -32.35 13.07 -47.03
C GLU A 84 -31.59 13.11 -45.72
N ALA A 85 -30.66 12.17 -45.50
CA ALA A 85 -29.84 12.21 -44.30
C ALA A 85 -28.92 13.42 -44.32
N GLU A 86 -28.21 13.62 -45.45
CA GLU A 86 -27.30 14.74 -45.58
C GLU A 86 -28.04 16.08 -45.43
N LYS A 87 -29.21 16.19 -46.07
CA LYS A 87 -29.96 17.45 -46.02
C LYS A 87 -30.41 17.79 -44.60
N LEU A 88 -30.77 16.78 -43.81
CA LEU A 88 -31.19 17.03 -42.43
C LEU A 88 -29.99 17.23 -41.51
N PHE A 89 -28.89 16.53 -41.76
CA PHE A 89 -27.68 16.71 -40.96
C PHE A 89 -27.11 18.11 -41.14
N ASN A 90 -27.12 18.61 -42.38
CA ASN A 90 -26.57 19.93 -42.66
C ASN A 90 -27.39 21.04 -42.00
N GLN A 91 -28.66 20.78 -41.73
CA GLN A 91 -29.51 21.77 -41.07
C GLN A 91 -29.33 21.73 -39.55
N ASP A 92 -29.07 20.53 -39.00
CA ASP A 92 -28.84 20.39 -37.57
C ASP A 92 -27.58 21.12 -37.14
N VAL A 93 -26.56 21.17 -38.00
CA VAL A 93 -25.32 21.86 -37.68
C VAL A 93 -25.54 23.37 -37.63
N ASP A 94 -26.24 23.92 -38.63
CA ASP A 94 -26.50 25.35 -38.65
C ASP A 94 -27.29 25.81 -37.43
N ALA A 95 -28.19 24.96 -36.92
CA ALA A 95 -28.96 25.32 -35.73
C ALA A 95 -28.11 25.20 -34.47
N ALA A 96 -27.20 24.23 -34.43
CA ALA A 96 -26.33 24.05 -33.28
C ALA A 96 -25.39 25.24 -33.08
N VAL A 97 -25.01 25.92 -34.17
CA VAL A 97 -24.16 27.10 -34.07
C VAL A 97 -24.98 28.31 -33.62
N ARG A 98 -26.19 28.46 -34.14
CA ARG A 98 -27.03 29.59 -33.77
C ARG A 98 -27.30 29.61 -32.27
N GLY A 99 -27.59 28.44 -31.69
CA GLY A 99 -27.80 28.37 -30.25
C GLY A 99 -26.60 28.76 -29.43
N ILE A 100 -25.40 28.43 -29.93
CA ILE A 100 -24.17 28.76 -29.21
C ILE A 100 -24.01 30.26 -29.07
N LEU A 101 -24.22 31.01 -30.16
CA LEU A 101 -24.07 32.45 -30.10
C LEU A 101 -25.23 33.09 -29.35
N ARG A 102 -26.39 32.44 -29.38
CA ARG A 102 -27.55 32.93 -28.64
C ARG A 102 -27.30 32.81 -27.13
N ASN A 103 -26.59 31.77 -26.72
CA ASN A 103 -26.36 31.50 -25.30
C ASN A 103 -25.29 32.42 -24.75
N ALA A 104 -25.58 33.03 -23.60
CA ALA A 104 -24.65 33.96 -22.98
C ALA A 104 -23.46 33.26 -22.34
N LYS A 105 -23.57 31.96 -22.06
CA LYS A 105 -22.51 31.20 -21.42
C LYS A 105 -21.68 30.42 -22.43
N LEU A 106 -22.16 30.27 -23.66
CA LEU A 106 -21.49 29.52 -24.71
C LEU A 106 -20.81 30.43 -25.73
N LYS A 107 -21.37 31.61 -25.94
CA LYS A 107 -20.82 32.54 -26.94
C LYS A 107 -19.40 32.98 -26.61
N PRO A 108 -19.09 33.49 -25.40
CA PRO A 108 -17.72 34.01 -25.20
C PRO A 108 -16.68 32.93 -25.29
N VAL A 109 -16.99 31.71 -24.85
CA VAL A 109 -16.04 30.61 -24.95
C VAL A 109 -15.81 30.27 -26.41
N TYR A 110 -16.90 30.15 -27.18
CA TYR A 110 -16.81 29.86 -28.60
C TYR A 110 -16.00 30.92 -29.33
N ASP A 111 -16.12 32.18 -28.90
CA ASP A 111 -15.38 33.26 -29.54
C ASP A 111 -13.89 33.18 -29.22
N SER A 112 -13.53 32.48 -28.16
CA SER A 112 -12.14 32.35 -27.75
C SER A 112 -11.47 31.12 -28.33
N LEU A 113 -12.26 30.14 -28.77
CA LEU A 113 -11.75 28.86 -29.23
C LEU A 113 -11.35 28.93 -30.70
N ASP A 114 -10.22 28.29 -31.02
CA ASP A 114 -9.79 28.17 -32.41
C ASP A 114 -10.74 27.26 -33.18
N ALA A 115 -10.70 27.38 -34.51
CA ALA A 115 -11.66 26.69 -35.37
C ALA A 115 -11.69 25.18 -35.12
N VAL A 116 -10.55 24.60 -34.76
CA VAL A 116 -10.52 23.16 -34.49
C VAL A 116 -11.29 22.86 -33.22
N ARG A 117 -11.05 23.66 -32.17
CA ARG A 117 -11.74 23.46 -30.90
C ARG A 117 -13.19 23.91 -31.00
N ARG A 118 -13.49 24.83 -31.92
CA ARG A 118 -14.87 25.24 -32.15
C ARG A 118 -15.73 24.06 -32.59
N ALA A 119 -15.16 23.18 -33.42
CA ALA A 119 -15.89 21.98 -33.85
C ALA A 119 -16.15 21.07 -32.67
N ALA A 120 -15.17 20.93 -31.77
CA ALA A 120 -15.34 20.07 -30.60
C ALA A 120 -16.47 20.58 -29.71
N LEU A 121 -16.55 21.90 -29.52
CA LEU A 121 -17.65 22.47 -28.75
C LEU A 121 -18.97 22.20 -29.46
N ILE A 122 -19.02 22.41 -30.78
CA ILE A 122 -20.24 22.15 -31.54
C ILE A 122 -20.58 20.67 -31.48
N ASN A 123 -19.55 19.80 -31.41
CA ASN A 123 -19.81 18.37 -31.30
C ASN A 123 -20.56 18.05 -30.02
N MET A 124 -20.21 18.75 -28.93
CA MET A 124 -20.90 18.53 -27.66
C MET A 124 -22.34 19.06 -27.74
N VAL A 125 -22.51 20.25 -28.30
CA VAL A 125 -23.85 20.82 -28.44
C VAL A 125 -24.68 19.96 -29.38
N PHE A 126 -24.04 19.36 -30.39
CA PHE A 126 -24.76 18.47 -31.29
C PHE A 126 -25.25 17.23 -30.56
N GLN A 127 -24.54 16.80 -29.52
CA GLN A 127 -24.83 15.58 -28.78
C GLN A 127 -25.71 15.83 -27.56
N MET A 128 -25.36 16.84 -26.75
CA MET A 128 -26.02 17.09 -25.49
C MET A 128 -26.94 18.31 -25.53
N GLY A 129 -27.06 18.95 -26.67
CA GLY A 129 -27.88 20.14 -26.81
C GLY A 129 -27.19 21.35 -26.22
N GLU A 130 -27.74 22.52 -26.57
CA GLU A 130 -27.19 23.78 -26.08
C GLU A 130 -27.17 23.84 -24.56
N THR A 131 -28.30 23.53 -23.93
CA THR A 131 -28.41 23.63 -22.47
C THR A 131 -27.46 22.67 -21.76
N GLY A 132 -27.37 21.43 -22.23
CA GLY A 132 -26.48 20.45 -21.60
C GLY A 132 -25.04 20.93 -21.50
N VAL A 133 -24.49 21.42 -22.61
CA VAL A 133 -23.10 21.88 -22.61
C VAL A 133 -22.95 23.12 -21.73
N ALA A 134 -24.00 23.94 -21.63
CA ALA A 134 -23.95 25.13 -20.80
C ALA A 134 -23.78 24.79 -19.31
N GLY A 135 -24.01 23.54 -18.93
CA GLY A 135 -23.85 23.14 -17.54
C GLY A 135 -22.40 23.04 -17.11
N PHE A 136 -21.49 22.81 -18.06
CA PHE A 136 -20.06 22.72 -17.76
C PHE A 136 -19.47 24.12 -17.63
N THR A 137 -19.95 24.83 -16.59
CA THR A 137 -19.54 26.22 -16.39
C THR A 137 -18.05 26.34 -16.11
N ASN A 138 -17.51 25.46 -15.26
CA ASN A 138 -16.11 25.57 -14.87
C ASN A 138 -15.17 25.21 -16.00
N SER A 139 -15.48 24.14 -16.75
CA SER A 139 -14.63 23.75 -17.86
C SER A 139 -14.66 24.78 -18.98
N LEU A 140 -15.83 25.37 -19.25
CA LEU A 140 -15.91 26.39 -20.28
C LEU A 140 -15.07 27.61 -19.93
N ARG A 141 -14.98 27.92 -18.63
CA ARG A 141 -14.14 29.03 -18.19
C ARG A 141 -12.66 28.69 -18.38
N MET A 142 -12.30 27.42 -18.18
CA MET A 142 -10.92 26.98 -18.39
C MET A 142 -10.57 27.02 -19.87
N LEU A 143 -11.49 26.57 -20.72
CA LEU A 143 -11.27 26.62 -22.16
C LEU A 143 -11.11 28.05 -22.63
N GLN A 144 -11.82 28.99 -22.00
CA GLN A 144 -11.69 30.40 -22.34
C GLN A 144 -10.33 30.93 -21.91
N GLN A 145 -9.77 30.40 -20.83
CA GLN A 145 -8.47 30.82 -20.33
C GLN A 145 -7.33 30.02 -20.93
N LYS A 146 -7.61 29.25 -21.98
CA LYS A 146 -6.61 28.49 -22.73
C LYS A 146 -5.91 27.43 -21.88
N ARG A 147 -6.57 26.94 -20.82
CA ARG A 147 -6.01 25.88 -19.97
C ARG A 147 -6.54 24.53 -20.43
N TRP A 148 -5.93 24.00 -21.49
CA TRP A 148 -6.50 22.83 -22.16
C TRP A 148 -6.37 21.58 -21.30
N ASP A 149 -5.27 21.43 -20.58
CA ASP A 149 -5.08 20.25 -19.75
C ASP A 149 -6.06 20.22 -18.59
N GLU A 150 -6.19 21.34 -17.86
CA GLU A 150 -7.10 21.39 -16.73
C GLU A 150 -8.55 21.18 -17.17
N ALA A 151 -8.94 21.78 -18.29
CA ALA A 151 -10.28 21.59 -18.82
C ALA A 151 -10.53 20.14 -19.20
N ALA A 152 -9.53 19.48 -19.80
CA ALA A 152 -9.67 18.09 -20.19
C ALA A 152 -9.94 17.19 -18.99
N VAL A 153 -9.26 17.42 -17.87
CA VAL A 153 -9.46 16.58 -16.69
C VAL A 153 -10.86 16.80 -16.12
N ASN A 154 -11.31 18.05 -16.05
CA ASN A 154 -12.65 18.34 -15.55
C ASN A 154 -13.71 17.64 -16.38
N LEU A 155 -13.55 17.63 -17.71
CA LEU A 155 -14.54 17.00 -18.57
C LEU A 155 -14.50 15.48 -18.44
N ALA A 156 -13.34 14.93 -18.05
CA ALA A 156 -13.17 13.48 -17.95
C ALA A 156 -13.97 12.88 -16.80
N LYS A 157 -14.34 13.68 -15.80
CA LYS A 157 -15.16 13.24 -14.68
C LYS A 157 -16.56 13.84 -14.80
N SER A 158 -17.42 13.17 -15.56
CA SER A 158 -18.80 13.60 -15.76
C SER A 158 -19.60 12.42 -16.30
N ARG A 159 -20.93 12.55 -16.23
CA ARG A 159 -21.80 11.51 -16.77
C ARG A 159 -21.58 11.34 -18.27
N TRP A 160 -21.25 12.43 -18.95
CA TRP A 160 -20.90 12.39 -20.37
C TRP A 160 -19.81 11.37 -20.64
N TYR A 161 -18.73 11.41 -19.87
CA TYR A 161 -17.64 10.46 -20.01
C TYR A 161 -18.07 9.05 -19.60
N ASN A 162 -18.91 8.95 -18.57
CA ASN A 162 -19.33 7.64 -18.10
C ASN A 162 -20.19 6.91 -19.14
N GLN A 163 -21.13 7.63 -19.76
CA GLN A 163 -22.03 7.00 -20.72
C GLN A 163 -21.36 6.73 -22.06
N THR A 164 -20.59 7.69 -22.58
CA THR A 164 -19.89 7.55 -23.86
C THR A 164 -18.42 7.91 -23.70
N PRO A 165 -17.60 6.96 -23.21
CA PRO A 165 -16.18 7.26 -22.98
C PRO A 165 -15.38 7.45 -24.25
N ASN A 166 -15.47 6.49 -25.18
CA ASN A 166 -14.75 6.59 -26.44
C ASN A 166 -15.15 7.86 -27.20
N ARG A 167 -16.43 8.21 -27.17
CA ARG A 167 -16.90 9.43 -27.81
C ARG A 167 -16.30 10.67 -27.14
N ALA A 168 -16.37 10.72 -25.80
CA ALA A 168 -15.88 11.89 -25.07
C ALA A 168 -14.37 12.04 -25.20
N LYS A 169 -13.63 10.93 -25.24
CA LYS A 169 -12.17 11.01 -25.37
C LYS A 169 -11.76 11.75 -26.63
N ARG A 170 -12.39 11.42 -27.76
CA ARG A 170 -12.04 12.07 -29.02
C ARG A 170 -12.31 13.56 -28.97
N VAL A 171 -13.47 13.96 -28.43
CA VAL A 171 -13.78 15.37 -28.30
C VAL A 171 -12.84 16.06 -27.31
N ILE A 172 -12.58 15.40 -26.17
CA ILE A 172 -11.70 15.99 -25.16
C ILE A 172 -10.30 16.16 -25.72
N THR A 173 -9.81 15.15 -26.47
CA THR A 173 -8.50 15.26 -27.10
C THR A 173 -8.44 16.44 -28.06
N THR A 174 -9.53 16.69 -28.78
CA THR A 174 -9.59 17.84 -29.69
C THR A 174 -9.39 19.14 -28.92
N PHE A 175 -10.03 19.26 -27.76
CA PHE A 175 -9.82 20.42 -26.90
C PHE A 175 -8.37 20.52 -26.45
N ARG A 176 -7.82 19.41 -25.93
CA ARG A 176 -6.48 19.43 -25.35
C ARG A 176 -5.41 19.70 -26.41
N THR A 177 -5.51 19.06 -27.57
CA THR A 177 -4.46 19.16 -28.58
C THR A 177 -4.73 20.21 -29.65
N GLY A 178 -6.00 20.51 -29.92
CA GLY A 178 -6.31 21.50 -30.93
C GLY A 178 -6.08 21.02 -32.34
N THR A 179 -5.96 19.72 -32.54
CA THR A 179 -5.75 19.10 -33.83
C THR A 179 -6.86 18.10 -34.10
N TRP A 180 -6.87 17.58 -35.32
CA TRP A 180 -7.86 16.59 -35.73
C TRP A 180 -7.36 15.17 -35.51
N ASP A 181 -6.26 15.03 -34.76
CA ASP A 181 -5.60 13.74 -34.55
C ASP A 181 -6.52 12.70 -33.90
N ALA A 182 -7.50 13.15 -33.11
CA ALA A 182 -8.36 12.21 -32.38
C ALA A 182 -9.28 11.43 -33.30
N TYR A 183 -9.46 11.88 -34.54
CA TYR A 183 -10.35 11.25 -35.50
C TYR A 183 -9.61 10.66 -36.68
N ILE A 184 -8.30 10.91 -36.78
CA ILE A 184 -7.47 10.34 -37.83
C ILE A 184 -6.82 9.04 -37.39
N TYR A 185 -6.36 8.95 -36.13
CA TYR A 185 -5.62 7.79 -35.66
C TYR A 185 -6.32 7.18 -34.44
N GLU A 186 -6.81 5.96 -34.61
CA GLU A 186 -7.41 5.21 -33.52
C GLU A 186 -6.34 4.56 -32.68
N PHE A 187 -6.64 4.32 -31.41
CA PHE A 187 -5.67 3.75 -30.47
C PHE A 187 -5.16 2.39 -30.92
N PHE A 188 -3.82 2.51 -30.89
CA PHE A 188 -3.24 1.29 -31.46
C PHE A 188 -2.22 0.65 -30.52
N SER A 189 -1.36 1.47 -29.90
CA SER A 189 -0.34 0.92 -29.02
C SER A 189 0.11 1.98 -28.03
N VAL A 190 0.81 1.53 -26.99
CA VAL A 190 1.41 2.39 -25.99
C VAL A 190 2.78 2.88 -26.45
N ASP A 191 3.52 3.52 -25.55
CA ASP A 191 4.85 4.01 -25.84
C ASP A 191 5.81 2.85 -26.09
N GLU A 192 6.93 3.14 -26.76
CA GLU A 192 7.85 2.08 -27.16
C GLU A 192 8.47 1.38 -25.95
N PHE A 193 8.80 2.15 -24.91
CA PHE A 193 9.45 1.55 -23.75
C PHE A 193 8.52 0.59 -23.02
N SER A 194 7.22 0.90 -22.99
CA SER A 194 6.26 0.02 -22.36
C SER A 194 5.97 -1.20 -23.23
N ALA A 195 5.81 -0.99 -24.55
CA ALA A 195 5.49 -2.11 -25.44
C ALA A 195 6.60 -3.16 -25.48
N SER A 196 7.84 -2.76 -25.28
CA SER A 196 8.93 -3.75 -25.27
C SER A 196 8.93 -4.54 -23.96
N VAL A 197 8.66 -3.87 -22.85
CA VAL A 197 8.59 -4.54 -21.56
C VAL A 197 7.40 -5.49 -21.51
N LEU A 198 6.26 -5.07 -22.07
CA LEU A 198 5.07 -5.93 -22.02
C LEU A 198 5.14 -7.11 -22.97
N THR A 199 6.20 -7.20 -23.79
CA THR A 199 6.39 -8.33 -24.68
C THR A 199 7.72 -9.02 -24.42
N GLY A 200 8.57 -8.43 -23.60
CA GLY A 200 9.85 -9.00 -23.26
C GLY A 200 9.73 -10.15 -22.27
N LYS A 201 10.85 -10.84 -22.08
CA LYS A 201 10.87 -12.00 -21.21
C LYS A 201 10.91 -11.60 -19.74
N LEU A 202 11.31 -10.35 -19.46
CA LEU A 202 11.30 -9.85 -18.09
C LEU A 202 9.93 -10.03 -17.44
N THR A 203 8.86 -9.76 -18.20
CA THR A 203 7.51 -9.86 -17.66
C THR A 203 6.91 -11.23 -17.91
N THR A 204 7.25 -11.88 -19.02
CA THR A 204 6.61 -13.12 -19.41
C THR A 204 7.35 -14.36 -18.93
N VAL A 205 8.56 -14.21 -18.37
CA VAL A 205 9.33 -15.34 -17.89
C VAL A 205 9.88 -15.09 -16.49
N PHE A 206 10.53 -13.94 -16.30
CA PHE A 206 11.11 -13.64 -15.00
C PHE A 206 10.04 -13.48 -13.92
N LEU A 207 9.02 -12.67 -14.20
CA LEU A 207 7.97 -12.44 -13.21
C LEU A 207 7.25 -13.72 -12.80
N PRO A 208 6.72 -14.55 -13.72
CA PRO A 208 5.98 -15.74 -13.26
C PRO A 208 6.85 -16.72 -12.48
N ILE A 209 8.16 -16.73 -12.71
CA ILE A 209 9.03 -17.60 -11.93
C ILE A 209 9.11 -17.12 -10.49
N VAL A 210 9.43 -15.83 -10.30
CA VAL A 210 9.52 -15.27 -8.95
C VAL A 210 8.18 -15.39 -8.23
N TYR A 211 7.08 -15.07 -8.93
CA TYR A 211 5.76 -15.20 -8.34
C TYR A 211 5.46 -16.65 -7.94
N THR A 212 5.86 -17.61 -8.77
CA THR A 212 5.66 -19.02 -8.45
C THR A 212 6.40 -19.41 -7.18
N ILE A 213 7.67 -19.01 -7.05
CA ILE A 213 8.44 -19.28 -5.84
C ILE A 213 7.72 -18.73 -4.61
N VAL A 214 7.32 -17.47 -4.66
CA VAL A 214 6.62 -16.85 -3.53
C VAL A 214 5.36 -17.63 -3.18
N PHE A 215 4.63 -18.11 -4.19
CA PHE A 215 3.41 -18.86 -3.92
C PHE A 215 3.72 -20.15 -3.16
N VAL A 216 4.70 -20.91 -3.64
CA VAL A 216 5.05 -22.17 -3.00
C VAL A 216 5.59 -21.93 -1.58
N VAL A 217 6.37 -20.86 -1.40
CA VAL A 217 7.00 -20.59 -0.11
C VAL A 217 6.04 -19.88 0.84
N ALA A 218 5.38 -18.81 0.39
CA ALA A 218 4.61 -17.97 1.30
C ALA A 218 3.27 -18.59 1.70
N LEU A 219 2.61 -19.33 0.81
CA LEU A 219 1.28 -19.82 1.13
C LEU A 219 1.25 -20.80 2.30
N PRO A 220 2.04 -21.89 2.34
CA PRO A 220 1.93 -22.81 3.48
C PRO A 220 2.61 -22.26 4.72
N SER A 221 3.65 -21.45 4.54
CA SER A 221 4.34 -20.88 5.70
C SER A 221 3.43 -19.93 6.47
N ASN A 222 2.80 -19.00 5.75
CA ASN A 222 1.81 -18.13 6.39
C ASN A 222 0.55 -18.92 6.73
N GLY A 223 0.27 -19.99 5.99
CA GLY A 223 -0.88 -20.81 6.29
C GLY A 223 -0.74 -21.46 7.65
N MET A 224 0.45 -21.96 7.96
CA MET A 224 0.70 -22.59 9.25
C MET A 224 0.79 -21.54 10.35
N ALA A 225 1.40 -20.39 10.05
CA ALA A 225 1.51 -19.33 11.05
C ALA A 225 0.14 -18.86 11.51
N LEU A 226 -0.78 -18.66 10.55
CA LEU A 226 -2.13 -18.25 10.91
C LEU A 226 -2.82 -19.33 11.73
N TRP A 227 -2.53 -20.60 11.43
CA TRP A 227 -3.10 -21.71 12.19
C TRP A 227 -2.57 -21.74 13.61
N VAL A 228 -1.27 -21.52 13.79
CA VAL A 228 -0.67 -21.53 15.12
C VAL A 228 -1.22 -20.40 15.98
N PHE A 229 -1.35 -19.20 15.40
CA PHE A 229 -1.81 -18.05 16.17
C PHE A 229 -3.27 -18.19 16.60
N LEU A 230 -4.07 -18.95 15.85
CA LEU A 230 -5.49 -19.10 16.15
C LEU A 230 -5.80 -20.34 16.97
N PHE A 231 -5.21 -21.49 16.65
CA PHE A 231 -5.62 -22.75 17.24
C PHE A 231 -4.50 -23.44 18.00
N ARG A 232 -3.35 -22.78 18.13
CA ARG A 232 -2.21 -23.35 18.85
C ARG A 232 -1.56 -22.37 19.81
N THR A 233 -1.79 -21.07 19.66
CA THR A 233 -1.30 -20.06 20.59
C THR A 233 -2.36 -19.79 21.65
N LYS A 234 -2.07 -20.17 22.89
CA LYS A 234 -2.99 -19.97 24.00
C LYS A 234 -2.56 -18.81 24.90
N LYS A 235 -1.71 -17.92 24.38
CA LYS A 235 -1.29 -16.71 25.07
C LYS A 235 -2.17 -15.53 24.68
N LYS A 236 -2.43 -15.37 23.38
CA LYS A 236 -3.25 -14.30 22.85
C LYS A 236 -2.73 -12.94 23.30
N ALA A 237 -1.43 -12.73 23.12
CA ALA A 237 -0.83 -11.43 23.41
C ALA A 237 -1.00 -10.50 22.23
N PRO A 238 -0.92 -9.19 22.45
CA PRO A 238 -1.02 -8.25 21.33
C PRO A 238 -0.05 -8.53 20.19
N ALA A 239 1.08 -9.18 20.47
CA ALA A 239 2.03 -9.49 19.40
C ALA A 239 1.49 -10.58 18.49
N VAL A 240 0.85 -11.59 19.08
CA VAL A 240 0.27 -12.68 18.30
C VAL A 240 -0.82 -12.15 17.37
N ILE A 241 -1.63 -11.21 17.87
CA ILE A 241 -2.76 -10.68 17.11
C ILE A 241 -2.26 -9.91 15.89
N TYR A 242 -1.25 -9.05 16.06
CA TYR A 242 -0.70 -8.32 14.92
C TYR A 242 -0.14 -9.28 13.89
N MET A 243 0.58 -10.31 14.34
CA MET A 243 1.16 -11.29 13.42
C MET A 243 0.08 -12.13 12.74
N ALA A 244 -1.07 -12.32 13.39
CA ALA A 244 -2.14 -13.09 12.77
C ALA A 244 -2.73 -12.35 11.58
N ASN A 245 -2.87 -11.03 11.69
CA ASN A 245 -3.37 -10.24 10.57
C ASN A 245 -2.31 -10.12 9.49
N LEU A 246 -1.04 -10.05 9.89
CA LEU A 246 0.06 -10.04 8.94
C LEU A 246 0.00 -11.30 8.07
N ALA A 247 -0.12 -12.47 8.71
CA ALA A 247 -0.27 -13.71 7.95
C ALA A 247 -1.54 -13.70 7.11
N LEU A 248 -2.62 -13.08 7.62
CA LEU A 248 -3.87 -13.03 6.88
C LEU A 248 -3.74 -12.13 5.65
N ALA A 249 -3.11 -10.96 5.82
CA ALA A 249 -2.83 -10.10 4.68
C ALA A 249 -1.99 -10.83 3.64
N ASP A 250 -1.02 -11.62 4.09
CA ASP A 250 -0.21 -12.42 3.18
C ASP A 250 -1.10 -13.40 2.42
N LEU A 251 -1.91 -14.16 3.14
CA LEU A 251 -2.71 -15.22 2.53
C LEU A 251 -3.71 -14.63 1.54
N LEU A 252 -4.39 -13.54 1.93
CA LEU A 252 -5.40 -12.94 1.08
C LEU A 252 -4.84 -12.39 -0.22
N SER A 253 -3.52 -12.35 -0.39
CA SER A 253 -2.88 -11.94 -1.63
C SER A 253 -2.24 -13.08 -2.39
N VAL A 254 -1.61 -14.02 -1.67
CA VAL A 254 -0.88 -15.11 -2.32
C VAL A 254 -1.84 -16.09 -2.97
N ILE A 255 -3.08 -16.18 -2.47
CA ILE A 255 -4.04 -17.12 -3.03
C ILE A 255 -4.40 -16.77 -4.47
N TRP A 256 -4.29 -15.50 -4.84
CA TRP A 256 -4.61 -15.07 -6.20
C TRP A 256 -3.44 -15.21 -7.17
N PHE A 257 -2.26 -15.61 -6.68
CA PHE A 257 -1.10 -15.70 -7.56
C PHE A 257 -1.24 -16.70 -8.71
N PRO A 258 -1.92 -17.83 -8.58
CA PRO A 258 -2.12 -18.70 -9.76
C PRO A 258 -2.74 -17.97 -10.94
N LEU A 259 -3.64 -17.03 -10.70
CA LEU A 259 -4.16 -16.22 -11.81
C LEU A 259 -3.15 -15.16 -12.23
N LYS A 260 -2.31 -14.71 -11.30
CA LYS A 260 -1.32 -13.69 -11.60
C LYS A 260 -0.18 -14.28 -12.44
N ILE A 261 0.25 -15.50 -12.11
CA ILE A 261 1.31 -16.16 -12.88
C ILE A 261 0.82 -16.45 -14.30
N ALA A 262 -0.36 -17.05 -14.43
CA ALA A 262 -0.90 -17.35 -15.75
C ALA A 262 -1.00 -16.09 -16.61
N TYR A 263 -1.33 -14.95 -15.99
CA TYR A 263 -1.43 -13.68 -16.70
C TYR A 263 -0.13 -13.36 -17.43
N HIS A 264 1.00 -13.46 -16.73
CA HIS A 264 2.28 -13.09 -17.32
C HIS A 264 2.78 -14.14 -18.30
N ILE A 265 2.57 -15.43 -17.98
CA ILE A 265 3.00 -16.51 -18.88
C ILE A 265 2.40 -16.32 -20.26
N HIS A 266 1.15 -15.84 -20.34
CA HIS A 266 0.48 -15.63 -21.61
C HIS A 266 0.64 -14.21 -22.14
N GLY A 267 1.79 -13.59 -21.89
CA GLY A 267 2.14 -12.31 -22.49
C GLY A 267 1.36 -11.11 -21.96
N ASN A 268 1.11 -11.06 -20.66
CA ASN A 268 0.42 -9.94 -20.03
C ASN A 268 -0.96 -9.71 -20.66
N ASN A 269 -1.77 -10.76 -20.62
CA ASN A 269 -3.08 -10.75 -21.28
C ASN A 269 -4.12 -11.26 -20.30
N TRP A 270 -5.04 -10.39 -19.90
CA TRP A 270 -6.03 -10.70 -18.88
C TRP A 270 -7.36 -11.04 -19.56
N ILE A 271 -7.90 -12.22 -19.26
CA ILE A 271 -9.10 -12.72 -19.90
C ILE A 271 -10.08 -13.18 -18.83
N TYR A 272 -9.95 -12.65 -17.63
CA TYR A 272 -10.76 -13.10 -16.50
C TYR A 272 -11.78 -12.06 -16.05
N GLY A 273 -11.79 -10.90 -16.66
CA GLY A 273 -12.77 -9.87 -16.40
C GLY A 273 -12.19 -8.66 -15.69
N GLU A 274 -12.87 -7.53 -15.87
CA GLU A 274 -12.43 -6.27 -15.27
C GLU A 274 -12.56 -6.30 -13.76
N ALA A 275 -13.66 -6.87 -13.25
CA ALA A 275 -13.89 -6.93 -11.82
C ALA A 275 -12.81 -7.76 -11.14
N LEU A 276 -12.42 -8.88 -11.76
CA LEU A 276 -11.45 -9.77 -11.14
C LEU A 276 -10.05 -9.17 -11.22
N CYS A 277 -9.79 -8.32 -12.21
CA CYS A 277 -8.53 -7.59 -12.27
C CYS A 277 -8.43 -6.62 -11.10
N ASN A 278 -9.50 -5.86 -10.85
CA ASN A 278 -9.47 -4.88 -9.77
C ASN A 278 -9.41 -5.56 -8.40
N VAL A 279 -9.83 -6.82 -8.31
CA VAL A 279 -9.69 -7.61 -7.09
C VAL A 279 -8.21 -7.81 -6.78
N LEU A 280 -7.47 -8.38 -7.73
CA LEU A 280 -6.03 -8.61 -7.55
C LEU A 280 -5.31 -7.31 -7.22
N ILE A 281 -5.62 -6.24 -7.96
CA ILE A 281 -5.01 -4.94 -7.69
C ILE A 281 -5.33 -4.50 -6.26
N GLY A 282 -6.58 -4.68 -5.84
CA GLY A 282 -6.97 -4.29 -4.50
C GLY A 282 -6.19 -5.06 -3.45
N PHE A 283 -6.20 -6.40 -3.55
CA PHE A 283 -5.55 -7.22 -2.54
C PHE A 283 -4.03 -7.11 -2.61
N PHE A 284 -3.47 -6.66 -3.74
CA PHE A 284 -2.03 -6.44 -3.83
C PHE A 284 -1.61 -5.25 -2.98
N TYR A 285 -2.20 -4.08 -3.25
CA TYR A 285 -1.87 -2.87 -2.50
C TYR A 285 -2.35 -2.94 -1.06
N ALA A 286 -3.39 -3.73 -0.80
CA ALA A 286 -3.86 -3.94 0.57
C ALA A 286 -2.78 -4.58 1.44
N ASN A 287 -2.27 -5.74 0.99
CA ASN A 287 -1.19 -6.40 1.73
C ASN A 287 0.06 -5.53 1.79
N MET A 288 0.27 -4.72 0.74
CA MET A 288 1.38 -3.78 0.71
C MET A 288 1.35 -2.85 1.91
N TYR A 289 0.18 -2.28 2.20
CA TYR A 289 0.08 -1.28 3.25
C TYR A 289 -0.32 -1.86 4.60
N CYS A 290 -1.05 -2.99 4.61
CA CYS A 290 -1.32 -3.66 5.87
C CYS A 290 -0.02 -4.13 6.52
N SER A 291 0.89 -4.68 5.71
CA SER A 291 2.17 -5.16 6.20
C SER A 291 2.94 -4.06 6.91
N ILE A 292 3.02 -2.88 6.29
CA ILE A 292 3.72 -1.76 6.89
C ILE A 292 3.07 -1.36 8.21
N LEU A 293 1.74 -1.20 8.20
CA LEU A 293 1.05 -0.76 9.41
C LEU A 293 1.12 -1.82 10.50
N PHE A 294 1.00 -3.10 10.14
CA PHE A 294 1.08 -4.16 11.13
C PHE A 294 2.52 -4.42 11.56
N LEU A 295 3.50 -4.02 10.76
CA LEU A 295 4.88 -4.07 11.22
C LEU A 295 5.15 -2.98 12.25
N THR A 296 4.57 -1.79 12.02
CA THR A 296 4.78 -0.69 12.96
C THR A 296 4.12 -0.98 14.29
N CYS A 297 2.91 -1.56 14.26
CA CYS A 297 2.22 -1.93 15.49
C CYS A 297 3.02 -2.95 16.28
N LEU A 298 3.38 -4.06 15.62
CA LEU A 298 4.13 -5.12 16.28
C LEU A 298 5.43 -4.58 16.89
N SER A 299 6.21 -3.84 16.10
CA SER A 299 7.48 -3.33 16.59
C SER A 299 7.27 -2.38 17.77
N VAL A 300 6.30 -1.48 17.67
CA VAL A 300 6.05 -0.54 18.75
C VAL A 300 5.52 -1.26 19.98
N GLN A 301 4.52 -2.13 19.78
CA GLN A 301 3.98 -2.93 20.89
C GLN A 301 5.08 -3.70 21.62
N ARG A 302 5.92 -4.41 20.87
CA ARG A 302 6.97 -5.20 21.52
C ARG A 302 8.02 -4.31 22.17
N ALA A 303 8.27 -3.13 21.59
CA ALA A 303 9.18 -2.18 22.22
C ALA A 303 8.55 -1.54 23.44
N TRP A 304 7.22 -1.33 23.40
CA TRP A 304 6.52 -0.66 24.48
C TRP A 304 6.40 -1.57 25.70
N GLU A 305 6.44 -2.88 25.51
CA GLU A 305 6.37 -3.82 26.63
C GLU A 305 7.67 -3.91 27.40
N ILE A 306 8.73 -3.29 26.90
CA ILE A 306 10.04 -3.30 27.54
C ILE A 306 10.33 -1.99 28.25
N VAL A 307 10.06 -0.87 27.59
CA VAL A 307 10.27 0.45 28.20
C VAL A 307 9.25 0.70 29.30
N ASN A 308 7.96 0.60 28.97
CA ASN A 308 6.88 0.81 29.95
C ASN A 308 5.88 -0.33 29.85
N PRO A 309 6.21 -1.48 30.43
CA PRO A 309 5.29 -2.63 30.41
C PRO A 309 4.05 -2.38 31.25
N MET A 310 2.94 -2.96 30.82
CA MET A 310 1.70 -2.90 31.57
C MET A 310 1.22 -4.32 31.86
N GLY A 311 0.07 -4.43 32.49
CA GLY A 311 -0.42 -5.73 32.93
C GLY A 311 -1.90 -5.95 32.72
N HIS A 312 -2.35 -5.83 31.48
CA HIS A 312 -3.74 -6.14 31.11
C HIS A 312 -3.74 -6.98 29.84
N SER A 313 -3.15 -8.17 29.93
CA SER A 313 -2.95 -9.02 28.76
C SER A 313 -4.26 -9.37 28.06
N ARG A 314 -5.38 -9.30 28.78
CA ARG A 314 -6.68 -9.56 28.18
C ARG A 314 -7.27 -8.31 27.56
N LYS A 315 -7.07 -7.16 28.21
CA LYS A 315 -7.59 -5.90 27.67
C LYS A 315 -6.71 -5.41 26.53
N LYS A 316 -5.38 -5.45 26.71
CA LYS A 316 -4.47 -5.05 25.65
C LYS A 316 -4.67 -5.89 24.40
N ALA A 317 -5.16 -7.12 24.56
CA ALA A 317 -5.45 -7.96 23.40
C ALA A 317 -6.67 -7.43 22.68
N ASN A 318 -7.76 -7.19 23.42
CA ASN A 318 -8.96 -6.63 22.82
C ASN A 318 -8.66 -5.31 22.14
N ILE A 319 -7.82 -4.48 22.76
CA ILE A 319 -7.37 -3.23 22.13
C ILE A 319 -6.65 -3.55 20.83
N ALA A 320 -5.73 -4.52 20.86
CA ALA A 320 -4.98 -4.85 19.66
C ALA A 320 -5.89 -5.38 18.56
N ILE A 321 -6.98 -6.04 18.94
CA ILE A 321 -7.95 -6.49 17.95
C ILE A 321 -8.66 -5.29 17.32
N GLY A 322 -9.14 -4.37 18.17
CA GLY A 322 -9.78 -3.17 17.67
C GLY A 322 -8.86 -2.35 16.77
N ILE A 323 -7.58 -2.26 17.14
CA ILE A 323 -6.63 -1.54 16.30
C ILE A 323 -6.51 -2.22 14.94
N SER A 324 -6.53 -3.55 14.92
CA SER A 324 -6.44 -4.27 13.65
C SER A 324 -7.67 -4.00 12.80
N LEU A 325 -8.86 -4.03 13.41
CA LEU A 325 -10.08 -3.68 12.69
C LEU A 325 -10.01 -2.26 12.15
N ALA A 326 -9.51 -1.32 12.97
CA ALA A 326 -9.39 0.06 12.50
C ALA A 326 -8.47 0.12 11.28
N ILE A 327 -7.34 -0.58 11.37
CA ILE A 327 -6.39 -0.63 10.25
C ILE A 327 -7.03 -1.33 9.06
N TRP A 328 -7.72 -2.45 9.32
CA TRP A 328 -8.37 -3.19 8.24
C TRP A 328 -9.39 -2.32 7.52
N LEU A 329 -10.16 -1.53 8.27
CA LEU A 329 -11.18 -0.68 7.66
C LEU A 329 -10.57 0.56 7.01
N LEU A 330 -9.48 1.08 7.56
CA LEU A 330 -8.84 2.27 6.99
C LEU A 330 -8.23 1.98 5.64
N ILE A 331 -7.74 0.76 5.42
CA ILE A 331 -7.15 0.41 4.14
C ILE A 331 -8.24 0.05 3.14
N LEU A 332 -9.35 -0.54 3.61
CA LEU A 332 -10.49 -0.77 2.75
C LEU A 332 -11.03 0.53 2.17
N LEU A 333 -10.95 1.62 2.93
CA LEU A 333 -11.43 2.91 2.45
C LEU A 333 -10.40 3.57 1.55
N VAL A 334 -9.11 3.36 1.81
CA VAL A 334 -8.07 4.03 1.05
C VAL A 334 -7.79 3.36 -0.28
N THR A 335 -8.18 2.10 -0.47
CA THR A 335 -7.98 1.43 -1.74
C THR A 335 -9.20 1.54 -2.65
N ILE A 336 -10.17 2.39 -2.28
CA ILE A 336 -11.35 2.58 -3.13
C ILE A 336 -10.99 3.14 -4.50
N PRO A 337 -10.12 4.17 -4.64
CA PRO A 337 -9.77 4.66 -5.99
C PRO A 337 -8.91 3.71 -6.81
N LEU A 338 -8.85 2.45 -6.38
CA LEU A 338 -8.20 1.38 -7.11
C LEU A 338 -9.20 0.33 -7.56
N TYR A 339 -10.23 0.10 -6.74
CA TYR A 339 -11.31 -0.81 -7.09
C TYR A 339 -12.15 -0.24 -8.24
N VAL A 340 -12.44 1.07 -8.19
CA VAL A 340 -13.50 1.65 -9.00
C VAL A 340 -13.05 2.21 -10.34
N VAL A 341 -11.75 2.33 -10.58
CA VAL A 341 -11.28 2.89 -11.84
C VAL A 341 -10.99 1.76 -12.81
N LYS A 342 -11.25 2.02 -14.09
CA LYS A 342 -10.95 1.08 -15.16
C LYS A 342 -9.46 0.74 -15.18
N GLN A 343 -9.14 -0.54 -14.95
CA GLN A 343 -7.75 -0.96 -14.84
C GLN A 343 -7.34 -1.95 -15.93
N THR A 344 -8.20 -2.19 -16.91
CA THR A 344 -7.89 -3.04 -18.05
C THR A 344 -7.98 -2.21 -19.33
N ILE A 345 -7.10 -2.50 -20.29
CA ILE A 345 -7.16 -1.87 -21.60
C ILE A 345 -6.63 -2.84 -22.64
N PHE A 346 -7.34 -2.92 -23.76
CA PHE A 346 -6.94 -3.74 -24.90
C PHE A 346 -6.01 -2.92 -25.79
N ILE A 347 -4.81 -3.44 -26.05
CA ILE A 347 -3.84 -2.76 -26.90
C ILE A 347 -3.83 -3.46 -28.25
N PRO A 348 -4.42 -2.87 -29.30
CA PRO A 348 -4.51 -3.54 -30.61
C PRO A 348 -3.20 -4.07 -31.16
N ALA A 349 -2.12 -3.27 -31.10
CA ALA A 349 -0.85 -3.69 -31.67
C ALA A 349 -0.27 -4.90 -30.95
N LEU A 350 -0.60 -5.07 -29.67
CA LEU A 350 -0.07 -6.18 -28.89
C LEU A 350 -1.06 -7.32 -28.77
N GLN A 351 -2.34 -7.08 -29.10
CA GLN A 351 -3.38 -8.10 -29.06
C GLN A 351 -3.54 -8.71 -27.66
N ILE A 352 -3.29 -7.92 -26.63
CA ILE A 352 -3.41 -8.36 -25.25
C ILE A 352 -4.25 -7.36 -24.48
N THR A 353 -4.84 -7.85 -23.38
CA THR A 353 -5.59 -7.01 -22.44
C THR A 353 -4.80 -6.96 -21.15
N THR A 354 -4.16 -5.82 -20.89
CA THR A 354 -3.30 -5.65 -19.73
C THR A 354 -4.11 -5.28 -18.49
N CYS A 355 -3.70 -5.84 -17.36
CA CYS A 355 -4.27 -5.53 -16.05
C CYS A 355 -3.23 -4.75 -15.25
N HIS A 356 -3.62 -3.56 -14.79
CA HIS A 356 -2.77 -2.69 -13.96
C HIS A 356 -1.57 -2.10 -14.70
N ASP A 357 -0.87 -2.90 -15.49
CA ASP A 357 0.42 -2.49 -16.06
C ASP A 357 0.31 -1.26 -16.96
N VAL A 358 -0.84 -1.04 -17.59
CA VAL A 358 -1.05 0.13 -18.44
C VAL A 358 -2.26 0.89 -17.94
N LEU A 359 -2.11 2.20 -17.81
CA LEU A 359 -3.20 3.05 -17.34
C LEU A 359 -4.15 3.38 -18.49
N PRO A 360 -5.39 2.90 -18.42
CA PRO A 360 -6.33 3.09 -19.54
C PRO A 360 -6.67 4.54 -19.82
N GLU A 361 -6.65 5.40 -18.81
CA GLU A 361 -7.01 6.81 -18.98
C GLU A 361 -5.81 7.68 -18.57
N GLN A 362 -5.07 8.14 -19.58
CA GLN A 362 -3.86 8.92 -19.33
C GLN A 362 -4.15 10.29 -18.75
N LEU A 363 -5.44 10.65 -18.59
CA LEU A 363 -5.84 11.93 -18.03
C LEU A 363 -5.90 11.91 -16.52
N LEU A 364 -5.85 10.74 -15.90
CA LEU A 364 -5.94 10.60 -14.46
C LEU A 364 -4.57 10.51 -13.80
N VAL A 365 -3.50 10.75 -14.56
CA VAL A 365 -2.15 10.66 -14.00
C VAL A 365 -1.95 11.71 -12.93
N GLY A 366 -2.57 12.88 -13.09
CA GLY A 366 -2.48 13.92 -12.07
C GLY A 366 -3.07 13.45 -10.76
N ASP A 367 -4.22 12.77 -10.81
CA ASP A 367 -4.83 12.22 -9.61
C ASP A 367 -4.01 11.05 -9.06
N MET A 368 -3.49 10.20 -9.94
CA MET A 368 -2.70 9.06 -9.52
C MET A 368 -1.43 9.49 -8.79
N PHE A 369 -0.78 10.55 -9.29
CA PHE A 369 0.46 11.01 -8.66
C PHE A 369 0.22 11.42 -7.21
N ASN A 370 -0.70 12.36 -6.99
CA ASN A 370 -1.01 12.81 -5.64
C ASN A 370 -1.41 11.64 -4.75
N TYR A 371 -2.23 10.72 -5.27
CA TYR A 371 -2.69 9.57 -4.49
C TYR A 371 -1.52 8.76 -3.96
N PHE A 372 -0.59 8.37 -4.82
CA PHE A 372 0.53 7.55 -4.37
C PHE A 372 1.60 8.37 -3.67
N LEU A 373 1.55 9.70 -3.78
CA LEU A 373 2.44 10.54 -3.00
C LEU A 373 1.93 10.72 -1.58
N SER A 374 0.60 10.73 -1.40
CA SER A 374 0.02 10.79 -0.06
C SER A 374 0.35 9.53 0.72
N LEU A 375 0.15 8.37 0.11
CA LEU A 375 0.43 7.10 0.78
C LEU A 375 1.91 6.95 1.07
N ALA A 376 2.76 7.41 0.16
CA ALA A 376 4.20 7.27 0.34
C ALA A 376 4.70 8.10 1.52
N ILE A 377 3.97 9.14 1.90
CA ILE A 377 4.34 9.98 3.04
C ILE A 377 3.66 9.47 4.30
N GLY A 378 2.33 9.41 4.28
CA GLY A 378 1.57 9.08 5.48
C GLY A 378 1.48 7.61 5.81
N VAL A 379 1.63 6.72 4.82
CA VAL A 379 1.52 5.29 5.05
C VAL A 379 2.81 4.55 4.75
N PHE A 380 3.89 5.28 4.44
CA PHE A 380 5.17 4.65 4.21
C PHE A 380 6.24 5.29 5.09
N LEU A 381 6.54 6.56 4.84
CA LEU A 381 7.55 7.26 5.62
C LEU A 381 7.17 7.34 7.09
N PHE A 382 5.95 7.81 7.37
CA PHE A 382 5.51 7.94 8.76
C PHE A 382 5.51 6.62 9.52
N PRO A 383 5.01 5.50 8.99
CA PRO A 383 5.18 4.24 9.72
C PRO A 383 6.60 3.74 9.74
N ALA A 384 7.43 4.14 8.77
CA ALA A 384 8.83 3.72 8.79
C ALA A 384 9.58 4.42 9.92
N PHE A 385 9.24 5.69 10.16
CA PHE A 385 9.87 6.44 11.24
C PHE A 385 9.51 5.84 12.60
N LEU A 386 8.25 5.46 12.78
CA LEU A 386 7.86 4.85 14.05
C LEU A 386 8.41 3.44 14.20
N THR A 387 8.65 2.76 13.07
CA THR A 387 9.13 1.39 13.12
C THR A 387 10.62 1.36 13.45
N ALA A 388 11.39 2.23 12.79
CA ALA A 388 12.84 2.27 13.02
C ALA A 388 13.15 2.69 14.44
N SER A 389 12.54 3.78 14.90
CA SER A 389 12.83 4.29 16.25
C SER A 389 12.35 3.33 17.33
N ALA A 390 11.38 2.47 17.03
CA ALA A 390 10.93 1.49 18.01
C ALA A 390 12.04 0.50 18.34
N TYR A 391 12.74 0.02 17.31
CA TYR A 391 13.87 -0.89 17.54
C TYR A 391 15.05 -0.17 18.17
N VAL A 392 15.16 1.14 17.95
CA VAL A 392 16.22 1.92 18.60
C VAL A 392 16.06 1.84 20.12
N LEU A 393 14.83 2.04 20.60
CA LEU A 393 14.59 1.96 22.03
C LEU A 393 14.58 0.51 22.52
N MET A 394 14.11 -0.41 21.67
CA MET A 394 13.99 -1.81 22.06
C MET A 394 15.37 -2.45 22.25
N ILE A 395 16.25 -2.29 21.26
CA ILE A 395 17.57 -2.91 21.31
C ILE A 395 18.38 -2.35 22.48
N ARG A 396 18.39 -1.03 22.63
CA ARG A 396 19.13 -0.40 23.71
C ARG A 396 18.67 -0.89 25.08
N ALA A 397 17.36 -0.99 25.28
CA ALA A 397 16.85 -1.46 26.57
C ALA A 397 17.25 -2.91 26.82
N LEU A 398 17.27 -3.73 25.76
CA LEU A 398 17.67 -5.13 25.90
C LEU A 398 19.19 -5.24 26.00
N ALA A 399 19.92 -4.23 25.51
CA ALA A 399 21.37 -4.20 25.63
C ALA A 399 21.79 -3.77 27.02
N ASP A 400 21.02 -2.88 27.64
CA ASP A 400 21.34 -2.44 29.00
C ASP A 400 21.09 -3.56 30.00
N LEU A 401 19.97 -4.26 29.86
CA LEU A 401 19.67 -5.38 30.74
C LEU A 401 20.72 -6.48 30.58
N GLU A 402 21.23 -6.66 29.35
CA GLU A 402 22.30 -7.62 29.11
C GLU A 402 23.57 -7.24 29.86
N ASP A 403 23.94 -5.95 29.82
CA ASP A 403 25.16 -5.50 30.48
C ASP A 403 25.08 -5.66 31.99
N ASN A 404 23.90 -5.46 32.58
CA ASN A 404 23.75 -5.64 34.01
C ASN A 404 24.00 -7.09 34.40
N TRP A 405 23.35 -8.03 33.70
CA TRP A 405 23.52 -9.44 34.02
C TRP A 405 24.96 -9.89 33.77
N GLU A 406 25.65 -9.23 32.84
CA GLU A 406 27.03 -9.58 32.54
C GLU A 406 27.97 -8.96 33.57
N THR A 407 27.72 -7.70 33.94
CA THR A 407 28.53 -7.04 34.97
C THR A 407 28.39 -7.74 36.31
N LEU A 408 27.20 -8.29 36.60
CA LEU A 408 26.98 -9.04 37.82
C LEU A 408 27.89 -10.26 37.90
N ASN A 409 27.78 -11.15 36.91
CA ASN A 409 28.53 -12.40 36.94
C ASN A 409 30.04 -12.16 36.86
N ASP A 410 30.46 -11.17 36.06
CA ASP A 410 31.88 -10.92 35.89
C ASP A 410 32.51 -10.41 37.19
N ASN A 411 31.88 -9.42 37.82
CA ASN A 411 32.42 -8.89 39.07
C ASN A 411 32.33 -9.91 40.20
N LEU A 412 31.38 -10.85 40.10
CA LEU A 412 31.26 -11.89 41.11
C LEU A 412 32.35 -12.95 40.93
N LYS A 413 32.85 -13.09 39.70
CA LYS A 413 33.92 -14.03 39.40
C LYS A 413 35.28 -13.45 39.73
N VAL A 414 35.37 -12.12 39.84
CA VAL A 414 36.63 -11.45 40.17
C VAL A 414 36.93 -11.62 41.65
N ILE A 415 35.91 -11.50 42.50
CA ILE A 415 36.09 -11.59 43.95
C ILE A 415 36.75 -12.92 44.33
N GLU A 416 36.35 -14.01 43.68
CA GLU A 416 36.94 -15.30 44.00
C GLU A 416 38.39 -15.42 43.54
N LYS A 417 38.89 -14.45 42.77
CA LYS A 417 40.25 -14.50 42.25
C LYS A 417 41.05 -13.25 42.60
N ALA A 418 40.56 -12.43 43.53
CA ALA A 418 41.27 -11.23 43.98
C ALA A 418 41.80 -11.43 45.39
N ASP A 419 43.02 -10.96 45.63
CA ASP A 419 43.68 -11.14 46.92
C ASP A 419 43.69 -9.87 47.78
N ASN A 420 43.96 -8.72 47.18
CA ASN A 420 44.00 -7.45 47.89
C ASN A 420 42.60 -6.96 48.24
N ALA A 421 42.53 -6.13 49.29
CA ALA A 421 41.25 -5.58 49.73
C ALA A 421 40.71 -4.55 48.75
N ALA A 422 41.57 -4.00 47.89
CA ALA A 422 41.13 -2.98 46.94
C ALA A 422 40.20 -3.58 45.89
N GLN A 423 40.64 -4.67 45.25
CA GLN A 423 39.85 -5.28 44.19
C GLN A 423 38.56 -5.88 44.74
N VAL A 424 38.55 -6.29 46.01
CA VAL A 424 37.35 -6.86 46.60
C VAL A 424 36.28 -5.78 46.78
N LYS A 425 36.65 -4.69 47.48
CA LYS A 425 35.72 -3.59 47.67
C LYS A 425 35.28 -2.98 46.34
N ASP A 426 36.20 -2.93 45.37
CA ASP A 426 35.87 -2.34 44.07
C ASP A 426 34.86 -3.19 43.31
N ALA A 427 35.06 -4.51 43.31
CA ALA A 427 34.15 -5.39 42.57
C ALA A 427 32.78 -5.42 43.22
N LEU A 428 32.74 -5.35 44.55
CA LEU A 428 31.46 -5.32 45.26
C LEU A 428 30.68 -4.07 44.86
N THR A 429 31.36 -2.93 44.73
CA THR A 429 30.69 -1.68 44.41
C THR A 429 30.12 -1.71 43.00
N LYS A 430 30.89 -2.26 42.05
CA LYS A 430 30.39 -2.35 40.68
C LYS A 430 29.28 -3.38 40.56
N MET A 431 29.37 -4.46 41.33
CA MET A 431 28.31 -5.47 41.34
C MET A 431 27.05 -4.90 41.98
N ARG A 432 27.20 -4.03 42.98
CA ARG A 432 26.05 -3.42 43.63
C ARG A 432 25.25 -2.56 42.65
N ALA A 433 25.93 -1.69 41.91
CA ALA A 433 25.23 -0.84 40.96
C ALA A 433 24.63 -1.65 39.83
N ALA A 434 25.28 -2.73 39.43
CA ALA A 434 24.74 -3.57 38.36
C ALA A 434 23.42 -4.20 38.78
N ALA A 435 23.28 -4.54 40.06
CA ALA A 435 22.04 -5.15 40.54
C ALA A 435 20.97 -4.10 40.79
N LEU A 436 21.37 -2.86 41.07
CA LEU A 436 20.41 -1.80 41.31
C LEU A 436 19.77 -1.33 40.00
N ASP A 437 20.48 -1.50 38.88
CA ASP A 437 19.94 -1.14 37.58
C ASP A 437 19.07 -2.26 37.02
N ALA A 438 19.48 -3.51 37.23
CA ALA A 438 18.69 -4.65 36.76
C ALA A 438 17.39 -4.76 37.54
N GLN A 439 17.34 -4.18 38.74
CA GLN A 439 16.14 -4.18 39.54
C GLN A 439 15.06 -3.34 38.88
N LYS A 440 15.46 -2.22 38.26
CA LYS A 440 14.54 -1.31 37.61
C LYS A 440 14.12 -1.82 36.23
N ALA A 441 14.86 -2.76 35.67
CA ALA A 441 14.64 -3.29 34.33
C ALA A 441 13.56 -4.38 34.33
N THR A 442 12.96 -4.59 33.17
CA THR A 442 11.90 -5.59 33.03
C THR A 442 12.50 -6.94 32.70
N PRO A 443 12.28 -7.96 33.51
CA PRO A 443 12.84 -9.28 33.21
C PRO A 443 12.26 -9.86 31.94
N PRO A 444 13.03 -10.70 31.23
CA PRO A 444 12.55 -11.28 29.97
C PRO A 444 11.24 -12.05 30.12
N LYS A 445 11.01 -12.65 31.28
CA LYS A 445 9.82 -13.48 31.48
C LYS A 445 8.57 -12.63 31.71
N LEU A 446 8.67 -11.64 32.59
CA LEU A 446 7.50 -10.84 32.99
C LEU A 446 7.26 -9.69 32.03
N GLU A 447 6.96 -10.04 30.78
CA GLU A 447 6.77 -9.02 29.75
C GLU A 447 5.41 -8.35 29.90
N ASP A 448 4.35 -9.14 29.95
CA ASP A 448 2.98 -8.63 30.09
C ASP A 448 2.60 -8.41 31.55
N LYS A 449 3.54 -8.55 32.48
CA LYS A 449 3.30 -8.32 33.89
C LYS A 449 3.51 -6.85 34.23
N SER A 450 2.52 -6.25 34.90
CA SER A 450 2.62 -4.86 35.29
C SER A 450 3.70 -4.68 36.35
N PRO A 451 4.34 -3.50 36.38
CA PRO A 451 5.41 -3.28 37.37
C PRO A 451 4.95 -3.29 38.82
N ASP A 452 3.65 -3.25 39.08
CA ASP A 452 3.13 -3.31 40.44
C ASP A 452 2.61 -4.70 40.82
N SER A 453 2.73 -5.67 39.92
CA SER A 453 2.25 -7.02 40.15
C SER A 453 3.10 -7.72 41.21
N PRO A 454 2.56 -8.77 41.84
CA PRO A 454 3.38 -9.56 42.76
C PRO A 454 4.61 -10.15 42.09
N GLU A 455 4.45 -10.67 40.87
CA GLU A 455 5.58 -11.21 40.12
C GLU A 455 6.72 -10.20 40.05
N MET A 456 6.40 -8.94 39.76
CA MET A 456 7.43 -7.92 39.70
C MET A 456 7.97 -7.60 41.10
N LYS A 457 7.11 -7.69 42.12
CA LYS A 457 7.54 -7.38 43.47
C LYS A 457 8.47 -8.47 43.99
N ASP A 458 8.22 -9.73 43.61
CA ASP A 458 9.12 -10.82 43.97
C ASP A 458 10.43 -10.72 43.19
N PHE A 459 10.36 -10.28 41.94
CA PHE A 459 11.59 -10.08 41.16
C PHE A 459 12.48 -9.04 41.83
N ARG A 460 11.91 -7.87 42.14
CA ARG A 460 12.69 -6.82 42.79
C ARG A 460 13.16 -7.26 44.17
N HIS A 461 12.31 -8.02 44.88
CA HIS A 461 12.70 -8.49 46.21
C HIS A 461 13.88 -9.43 46.13
N GLY A 462 13.97 -10.22 45.06
CA GLY A 462 15.12 -11.09 44.88
C GLY A 462 16.43 -10.31 44.84
N PHE A 463 16.38 -9.06 44.37
CA PHE A 463 17.55 -8.20 44.36
C PHE A 463 17.78 -7.55 45.72
N ASP A 464 16.69 -7.23 46.43
CA ASP A 464 16.81 -6.64 47.76
C ASP A 464 17.55 -7.57 48.70
N ILE A 465 17.28 -8.87 48.60
CA ILE A 465 18.01 -9.85 49.40
C ILE A 465 19.46 -9.89 48.97
N LEU A 466 19.71 -9.85 47.66
CA LEU A 466 21.08 -9.87 47.14
C LEU A 466 21.83 -8.61 47.52
N VAL A 467 21.22 -7.44 47.28
CA VAL A 467 21.88 -6.17 47.58
C VAL A 467 22.24 -6.08 49.05
N GLY A 468 21.34 -6.52 49.93
CA GLY A 468 21.62 -6.50 51.35
C GLY A 468 22.84 -7.34 51.70
N GLN A 469 22.99 -8.50 51.05
CA GLN A 469 24.15 -9.33 51.29
C GLN A 469 25.43 -8.69 50.76
N ILE A 470 25.32 -7.91 49.67
CA ILE A 470 26.49 -7.20 49.18
C ILE A 470 26.92 -6.15 50.20
N ASP A 471 25.98 -5.54 50.90
CA ASP A 471 26.32 -4.58 51.95
C ASP A 471 26.93 -5.29 53.14
N ASP A 472 26.58 -6.56 53.36
CA ASP A 472 27.16 -7.31 54.47
C ASP A 472 28.59 -7.72 54.14
N ALA A 473 28.91 -7.83 52.85
CA ALA A 473 30.27 -8.11 52.43
C ALA A 473 31.05 -6.81 52.33
N LEU A 474 30.37 -5.73 51.96
CA LEU A 474 30.98 -4.41 51.98
C LEU A 474 31.23 -3.97 53.42
N LYS A 475 30.36 -4.39 54.34
CA LYS A 475 30.56 -4.08 55.75
C LYS A 475 31.87 -4.69 56.22
N LEU A 476 32.19 -5.89 55.72
CA LEU A 476 33.45 -6.53 56.06
C LEU A 476 34.59 -5.94 55.24
N ALA A 477 34.31 -5.63 53.96
CA ALA A 477 35.34 -5.07 53.09
C ALA A 477 35.71 -3.66 53.52
N ASN A 478 34.78 -2.93 54.12
CA ASN A 478 35.05 -1.57 54.59
C ASN A 478 35.63 -1.59 55.99
N GLU A 479 35.45 -2.69 56.73
CA GLU A 479 36.01 -2.88 58.05
C GLU A 479 37.33 -3.64 58.00
N GLY A 480 37.98 -3.66 56.83
CA GLY A 480 39.30 -4.25 56.66
C GLY A 480 39.35 -5.77 56.65
N LYS A 481 38.23 -6.45 56.89
CA LYS A 481 38.19 -7.92 56.91
C LYS A 481 38.18 -8.46 55.48
N VAL A 482 39.38 -8.54 54.90
CA VAL A 482 39.57 -8.93 53.50
C VAL A 482 39.03 -10.33 53.23
N LYS A 483 39.69 -11.34 53.80
CA LYS A 483 39.34 -12.73 53.50
C LYS A 483 37.91 -13.06 53.90
N GLU A 484 37.37 -12.37 54.91
CA GLU A 484 36.02 -12.67 55.36
C GLU A 484 34.99 -12.20 54.35
N ALA A 485 35.33 -11.18 53.56
CA ALA A 485 34.42 -10.70 52.52
C ALA A 485 34.45 -11.60 51.30
N GLN A 486 35.59 -12.27 51.05
CA GLN A 486 35.67 -13.22 49.94
C GLN A 486 34.75 -14.41 50.19
N ALA A 487 34.67 -14.88 51.44
CA ALA A 487 33.79 -15.99 51.76
C ALA A 487 32.34 -15.63 51.50
N ALA A 488 32.00 -14.35 51.59
CA ALA A 488 30.64 -13.91 51.33
C ALA A 488 30.27 -14.05 49.85
N ALA A 489 31.27 -14.09 48.96
CA ALA A 489 30.99 -14.22 47.54
C ALA A 489 30.31 -15.54 47.23
N GLU A 490 30.71 -16.60 47.95
CA GLU A 490 30.05 -17.89 47.75
C GLU A 490 28.61 -17.83 48.23
N GLN A 491 28.34 -17.00 49.23
CA GLN A 491 26.97 -16.78 49.68
C GLN A 491 26.18 -16.02 48.62
N LEU A 492 26.86 -15.13 47.89
CA LEU A 492 26.22 -14.38 46.82
C LEU A 492 25.93 -15.26 45.61
N LYS A 493 26.72 -16.31 45.42
CA LYS A 493 26.46 -17.24 44.32
C LYS A 493 25.13 -17.96 44.52
N THR A 494 24.87 -18.41 45.76
CA THR A 494 23.61 -19.08 46.05
C THR A 494 22.42 -18.18 45.77
N THR A 495 22.50 -16.92 46.20
CA THR A 495 21.41 -15.97 45.96
C THR A 495 21.23 -15.70 44.47
N ARG A 496 22.31 -15.75 43.69
CA ARG A 496 22.21 -15.52 42.25
C ARG A 496 21.38 -16.61 41.57
N ASN A 497 21.75 -17.87 41.79
CA ASN A 497 21.07 -18.97 41.11
C ASN A 497 19.65 -19.17 41.63
N ALA A 498 19.37 -18.79 42.87
CA ALA A 498 18.06 -19.03 43.46
C ALA A 498 17.02 -17.99 43.04
N TYR A 499 17.36 -16.71 43.12
CA TYR A 499 16.38 -15.65 42.94
C TYR A 499 16.57 -14.81 41.69
N ILE A 500 17.77 -14.73 41.13
CA ILE A 500 18.07 -13.81 40.05
C ILE A 500 18.25 -14.56 38.73
N GLN A 501 19.11 -15.59 38.72
CA GLN A 501 19.44 -16.28 37.47
C GLN A 501 18.20 -16.89 36.82
N LYS A 502 17.19 -17.26 37.60
CA LYS A 502 15.95 -17.80 37.05
C LYS A 502 15.31 -16.81 36.08
N TYR A 503 15.40 -15.51 36.37
CA TYR A 503 14.76 -14.49 35.55
C TYR A 503 15.65 -14.02 34.41
N LEU A 504 16.94 -13.86 34.67
CA LEU A 504 17.86 -13.30 33.68
C LEU A 504 18.71 -14.40 33.05
N GLU A 505 18.36 -15.69 32.99
CA GLU A 505 19.05 -16.85 32.41
C GLU A 505 19.24 -16.67 30.90
N ASN A 506 18.14 -16.36 30.22
CA ASN A 506 18.20 -16.20 28.76
C ASN A 506 17.80 -14.80 28.33
N SER A 507 18.54 -13.79 28.79
CA SER A 507 18.29 -12.42 28.37
C SER A 507 19.19 -12.02 27.22
N GLU A 508 20.33 -12.69 27.06
CA GLU A 508 21.23 -12.43 25.96
C GLU A 508 20.74 -13.11 24.69
N LYS A 509 20.00 -14.22 24.85
CA LYS A 509 19.37 -14.89 23.72
C LYS A 509 18.19 -14.09 23.20
N LYS A 510 17.52 -13.34 24.08
CA LYS A 510 16.39 -12.52 23.65
C LYS A 510 16.87 -11.30 22.89
N ARG A 511 18.02 -10.76 23.28
CA ARG A 511 18.62 -9.64 22.55
C ARG A 511 18.99 -10.05 21.13
N LYS A 512 19.53 -11.27 20.96
CA LYS A 512 19.94 -11.70 19.63
C LYS A 512 18.73 -11.85 18.70
N ARG A 513 17.59 -12.30 19.24
CA ARG A 513 16.41 -12.41 18.38
C ARG A 513 15.90 -11.04 17.99
N ALA A 514 16.02 -10.05 18.89
CA ALA A 514 15.54 -8.71 18.59
C ALA A 514 16.40 -8.06 17.51
N ILE A 515 17.72 -8.27 17.57
CA ILE A 515 18.60 -7.71 16.55
C ILE A 515 18.28 -8.33 15.19
N LYS A 516 18.19 -9.67 15.15
CA LYS A 516 17.81 -10.35 13.92
C LYS A 516 16.44 -9.90 13.44
N LEU A 517 15.54 -9.58 14.38
CA LEU A 517 14.23 -9.05 14.01
C LEU A 517 14.36 -7.69 13.36
N ALA A 518 15.20 -6.82 13.92
CA ALA A 518 15.44 -5.51 13.33
C ALA A 518 16.07 -5.64 11.95
N VAL A 519 16.93 -6.64 11.75
CA VAL A 519 17.53 -6.87 10.44
C VAL A 519 16.48 -7.35 9.45
N THR A 520 15.65 -8.32 9.87
CA THR A 520 14.59 -8.84 9.00
C THR A 520 13.70 -7.72 8.48
N VAL A 521 13.27 -6.84 9.38
CA VAL A 521 12.36 -5.75 8.99
C VAL A 521 13.08 -4.76 8.08
N ALA A 522 14.32 -4.40 8.42
CA ALA A 522 15.08 -3.48 7.59
C ALA A 522 15.23 -4.01 6.17
N ALA A 523 15.47 -5.32 6.03
CA ALA A 523 15.60 -5.92 4.71
C ALA A 523 14.28 -5.86 3.96
N MET A 524 13.17 -6.06 4.68
CA MET A 524 11.84 -6.02 4.06
C MET A 524 11.54 -4.63 3.53
N TYR A 525 11.99 -3.59 4.25
CA TYR A 525 11.81 -2.22 3.77
C TYR A 525 12.72 -1.94 2.59
N LEU A 526 13.95 -2.43 2.65
CA LEU A 526 14.94 -2.14 1.61
C LEU A 526 14.59 -2.82 0.30
N ILE A 527 13.89 -3.95 0.35
CA ILE A 527 13.59 -4.73 -0.83
C ILE A 527 12.14 -4.55 -1.28
N CYS A 528 11.18 -4.59 -0.35
CA CYS A 528 9.79 -4.67 -0.74
C CYS A 528 9.05 -3.34 -0.68
N PHE A 529 9.38 -2.46 0.26
CA PHE A 529 8.60 -1.24 0.50
C PHE A 529 9.22 0.00 -0.12
N THR A 530 10.51 0.26 0.15
CA THR A 530 11.15 1.48 -0.35
C THR A 530 11.26 1.53 -1.86
N PRO A 531 11.68 0.46 -2.56
CA PRO A 531 11.76 0.58 -4.03
C PRO A 531 10.40 0.77 -4.67
N SER A 532 9.34 0.23 -4.06
CA SER A 532 8.00 0.31 -4.66
C SER A 532 7.44 1.71 -4.51
N ASN A 533 7.38 2.21 -3.27
CA ASN A 533 6.78 3.51 -3.00
C ASN A 533 7.57 4.64 -3.64
N LEU A 534 8.90 4.53 -3.65
CA LEU A 534 9.72 5.56 -4.29
C LEU A 534 9.43 5.62 -5.79
N LEU A 535 9.46 4.47 -6.46
CA LEU A 535 9.24 4.44 -7.90
C LEU A 535 7.80 4.72 -8.26
N LEU A 536 6.85 4.34 -7.39
CA LEU A 536 5.45 4.65 -7.65
C LEU A 536 5.23 6.14 -7.83
N VAL A 537 5.92 6.96 -7.03
CA VAL A 537 5.85 8.41 -7.22
C VAL A 537 6.58 8.80 -8.50
N VAL A 538 7.77 8.24 -8.71
CA VAL A 538 8.57 8.58 -9.89
C VAL A 538 7.85 8.18 -11.17
N HIS A 539 7.28 6.97 -11.19
CA HIS A 539 6.57 6.49 -12.37
C HIS A 539 5.47 7.46 -12.79
N TYR A 540 4.53 7.75 -11.89
CA TYR A 540 3.42 8.62 -12.24
C TYR A 540 3.86 10.07 -12.38
N PHE A 541 5.02 10.43 -11.83
CA PHE A 541 5.53 11.79 -12.02
C PHE A 541 5.99 12.02 -13.44
N LEU A 542 6.59 11.00 -14.07
CA LEU A 542 7.08 11.17 -15.43
C LEU A 542 5.94 11.13 -16.46
N ILE A 543 4.94 10.27 -16.25
CA ILE A 543 3.80 10.25 -17.16
C ILE A 543 3.05 11.57 -17.06
N LYS A 544 3.03 12.18 -15.88
CA LYS A 544 2.39 13.48 -15.70
C LYS A 544 3.22 14.60 -16.32
N SER A 545 4.54 14.44 -16.34
CA SER A 545 5.46 15.48 -16.75
C SER A 545 5.90 15.34 -18.21
N GLN A 546 6.01 14.12 -18.72
CA GLN A 546 6.50 13.90 -20.07
C GLN A 546 5.62 12.94 -20.88
N GLY A 547 4.73 12.19 -20.24
CA GLY A 547 3.83 11.27 -20.91
C GLY A 547 4.38 9.87 -21.03
N GLN A 548 5.62 9.65 -20.63
CA GLN A 548 6.25 8.34 -20.62
C GLN A 548 7.25 8.32 -19.48
N SER A 549 7.54 7.14 -18.94
CA SER A 549 8.51 7.00 -17.87
C SER A 549 9.52 5.92 -18.23
N HIS A 550 10.81 6.27 -18.13
CA HIS A 550 11.87 5.32 -18.40
C HIS A 550 12.08 4.35 -17.25
N VAL A 551 11.48 4.62 -16.10
CA VAL A 551 11.57 3.74 -14.93
C VAL A 551 10.48 2.69 -14.98
N TYR A 552 9.82 2.55 -16.14
CA TYR A 552 8.74 1.58 -16.25
C TYR A 552 9.23 0.17 -15.96
N ALA A 553 10.44 -0.16 -16.40
CA ALA A 553 10.99 -1.48 -16.12
C ALA A 553 11.31 -1.61 -14.64
N LEU A 554 11.86 -0.56 -14.05
CA LEU A 554 12.18 -0.58 -12.62
C LEU A 554 10.89 -0.59 -11.81
N TYR A 555 9.86 0.12 -12.30
CA TYR A 555 8.56 0.13 -11.65
C TYR A 555 7.95 -1.27 -11.57
N ILE A 556 8.17 -2.09 -12.60
CA ILE A 556 7.61 -3.43 -12.62
C ILE A 556 8.40 -4.35 -11.69
N VAL A 557 9.73 -4.29 -11.77
CA VAL A 557 10.57 -5.08 -10.87
C VAL A 557 10.33 -4.68 -9.43
N ALA A 558 10.13 -3.39 -9.16
CA ALA A 558 9.85 -2.95 -7.80
C ALA A 558 8.57 -3.60 -7.29
N LEU A 559 7.51 -3.54 -8.10
CA LEU A 559 6.24 -4.14 -7.70
C LEU A 559 6.38 -5.65 -7.55
N CYS A 560 7.27 -6.26 -8.34
CA CYS A 560 7.48 -7.70 -8.25
C CYS A 560 8.21 -8.05 -6.97
N LEU A 561 9.30 -7.33 -6.68
CA LEU A 561 10.07 -7.59 -5.47
C LEU A 561 9.29 -7.23 -4.22
N SER A 562 8.22 -6.43 -4.37
CA SER A 562 7.41 -6.04 -3.22
C SER A 562 6.63 -7.22 -2.68
N THR A 563 6.35 -8.21 -3.52
CA THR A 563 5.59 -9.38 -3.10
C THR A 563 6.41 -10.33 -2.25
N LEU A 564 7.71 -10.07 -2.13
CA LEU A 564 8.59 -10.92 -1.32
C LEU A 564 8.33 -10.75 0.17
N ASN A 565 7.65 -9.66 0.56
CA ASN A 565 7.36 -9.43 1.97
C ASN A 565 6.66 -10.61 2.61
N SER A 566 5.80 -11.30 1.85
CA SER A 566 5.11 -12.46 2.40
C SER A 566 6.01 -13.67 2.50
N CYS A 567 7.21 -13.63 1.91
CA CYS A 567 8.20 -14.67 2.10
C CYS A 567 9.16 -14.33 3.24
N ILE A 568 9.27 -13.05 3.57
CA ILE A 568 10.12 -12.59 4.66
C ILE A 568 9.30 -12.54 5.94
N ASP A 569 7.99 -12.37 5.82
CA ASP A 569 7.10 -12.34 6.98
C ASP A 569 7.23 -13.58 7.87
N PRO A 570 7.43 -14.80 7.36
CA PRO A 570 7.62 -15.93 8.28
C PRO A 570 8.85 -15.79 9.16
N PHE A 571 9.89 -15.08 8.69
CA PHE A 571 11.06 -14.86 9.52
C PHE A 571 10.72 -13.95 10.69
N VAL A 572 9.75 -13.07 10.51
CA VAL A 572 9.32 -12.18 11.58
C VAL A 572 8.61 -12.97 12.66
N TYR A 573 7.74 -13.90 12.26
CA TYR A 573 7.00 -14.71 13.23
C TYR A 573 7.96 -15.60 14.02
N TYR A 574 9.06 -16.02 13.39
CA TYR A 574 10.00 -16.92 14.05
C TYR A 574 10.73 -16.22 15.18
N PHE A 575 11.01 -14.93 15.04
CA PHE A 575 11.76 -14.18 16.03
C PHE A 575 10.87 -13.53 17.09
N VAL A 576 9.56 -13.52 16.87
CA VAL A 576 8.61 -12.93 17.81
C VAL A 576 7.77 -13.99 18.51
N SER A 577 7.06 -14.82 17.75
CA SER A 577 6.21 -15.85 18.33
C SER A 577 7.03 -17.04 18.82
N HIS A 578 6.76 -17.46 20.04
CA HIS A 578 7.45 -18.60 20.63
C HIS A 578 6.78 -19.91 20.24
N ASP A 579 5.46 -19.88 20.05
CA ASP A 579 4.73 -21.08 19.64
C ASP A 579 4.99 -21.40 18.18
N PHE A 580 5.26 -20.38 17.37
CA PHE A 580 5.56 -20.59 15.95
C PHE A 580 6.90 -21.28 15.75
N ARG A 581 7.88 -21.00 16.62
CA ARG A 581 9.17 -21.67 16.50
C ARG A 581 9.02 -23.19 16.64
N ASP A 582 8.23 -23.63 17.62
CA ASP A 582 8.00 -25.05 17.82
C ASP A 582 7.42 -25.71 16.59
N HIS A 583 6.40 -25.10 15.99
CA HIS A 583 5.78 -25.67 14.80
C HIS A 583 6.67 -25.53 13.57
N ALA A 584 7.58 -24.56 13.57
CA ALA A 584 8.51 -24.40 12.46
C ALA A 584 9.60 -25.47 12.51
N LYS A 585 10.15 -25.72 13.70
CA LYS A 585 11.23 -26.70 13.82
C LYS A 585 10.71 -28.12 13.66
N ASN A 586 9.57 -28.44 14.27
CA ASN A 586 9.01 -29.78 14.18
C ASN A 586 8.65 -30.14 12.74
N ALA A 587 8.17 -29.16 11.97
CA ALA A 587 7.81 -29.43 10.58
C ALA A 587 9.03 -29.80 9.75
N LEU A 588 10.15 -29.13 9.99
CA LEU A 588 11.38 -29.42 9.26
C LEU A 588 12.58 -29.47 10.21
#